data_7VOS
#
_entry.id   7VOS
#
_cell.length_a   46.334
_cell.length_b   58.855
_cell.length_c   23.548
_cell.angle_alpha   90.00
_cell.angle_beta   90.00
_cell.angle_gamma   90.00
#
_symmetry.space_group_name_H-M   'P 21 21 21'
#
loop_
_entity.id
_entity.type
_entity.pdbx_description
1 polymer 'High-potential iron-sulfur protein'
2 non-polymer 'IRON/SULFUR CLUSTER'
3 non-polymer 'SULFATE ION'
4 non-polymer GLYCEROL
5 non-polymer 'AMMONIUM ION'
6 non-polymer trideuteriooxidanium
7 water water
#
_entity_poly.entity_id   1
_entity_poly.type   'polypeptide(L)'
_entity_poly.pdbx_seq_one_letter_code
;AAPANAVTADDPTAIALKYNQDATKSERVAAARPGLPPEEQHCANCQFMQANVGEGDWKGCQLFPGKLINVNGWCASWTL
KAG
;
_entity_poly.pdbx_strand_id   A
#
# COMPACT_ATOMS: atom_id res chain seq x y z
N ALA A 1 4.55 11.10 11.39
N ALA A 1 4.29 10.55 11.51
CA ALA A 1 5.53 11.64 10.42
CA ALA A 1 5.05 11.17 10.44
C ALA A 1 5.98 10.47 9.57
C ALA A 1 5.64 10.09 9.57
N ALA A 2 5.70 10.51 8.29
CA ALA A 2 6.04 9.45 7.36
C ALA A 2 7.54 9.39 7.16
N PRO A 3 8.06 8.18 6.88
CA PRO A 3 9.47 8.08 6.56
C PRO A 3 9.80 8.90 5.33
N ALA A 4 11.09 9.20 5.19
CA ALA A 4 11.57 10.03 4.10
C ALA A 4 11.29 9.42 2.73
N ASN A 5 11.21 8.12 2.68
N ASN A 5 11.14 8.08 2.64
CA ASN A 5 10.96 7.37 1.45
CA ASN A 5 10.87 7.41 1.38
C ASN A 5 9.51 6.85 1.39
C ASN A 5 9.45 6.86 1.30
N ALA A 6 8.56 7.44 2.13
CA ALA A 6 7.17 7.03 2.02
C ALA A 6 6.64 7.39 0.64
N VAL A 7 5.71 6.56 0.14
CA VAL A 7 4.99 6.89 -1.10
C VAL A 7 4.13 8.13 -0.84
N THR A 8 4.21 9.06 -1.75
N THR A 8 4.23 9.15 -1.73
CA THR A 8 3.40 10.24 -1.50
CA THR A 8 3.61 10.46 -1.62
C THR A 8 2.30 10.32 -2.55
C THR A 8 2.56 10.72 -2.72
N ALA A 9 1.34 11.16 -2.16
N ALA A 9 1.78 11.79 -2.53
CA ALA A 9 0.17 11.42 -3.01
CA ALA A 9 0.55 11.96 -3.28
C ALA A 9 0.52 11.92 -4.39
C ALA A 9 0.74 12.35 -4.75
N ASP A 10 1.72 12.44 -4.56
N ASP A 10 1.88 12.92 -5.12
CA ASP A 10 2.09 13.04 -5.82
CA ASP A 10 2.16 13.24 -6.53
C ASP A 10 2.83 12.14 -6.76
C ASP A 10 3.17 12.25 -7.15
N ASP A 11 3.29 11.04 -6.47
CA ASP A 11 3.99 9.94 -7.12
C ASP A 11 3.08 9.40 -8.24
N PRO A 12 3.53 9.39 -9.49
CA PRO A 12 2.64 9.04 -10.60
C PRO A 12 1.98 7.68 -10.44
N THR A 13 2.76 6.71 -9.95
CA THR A 13 2.27 5.36 -9.75
C THR A 13 1.23 5.32 -8.62
N ALA A 14 1.49 6.09 -7.54
CA ALA A 14 0.52 6.20 -6.47
C ALA A 14 -0.80 6.76 -6.98
N ILE A 15 -0.73 7.78 -7.85
CA ILE A 15 -1.95 8.35 -8.41
C ILE A 15 -2.67 7.29 -9.25
N ALA A 16 -1.93 6.63 -10.14
CA ALA A 16 -2.54 5.67 -11.05
C ALA A 16 -3.21 4.52 -10.27
N LEU A 17 -2.60 4.08 -9.18
CA LEU A 17 -3.10 2.97 -8.37
C LEU A 17 -4.02 3.43 -7.24
N LYS A 18 -4.28 4.73 -7.13
CA LYS A 18 -5.14 5.28 -6.08
CA LYS A 18 -5.18 5.22 -6.08
C LYS A 18 -4.70 4.80 -4.69
N TYR A 19 -3.36 4.86 -4.46
CA TYR A 19 -2.84 4.59 -3.14
C TYR A 19 -3.27 5.67 -2.15
N ASN A 20 -3.56 5.24 -0.92
CA ASN A 20 -3.59 6.15 0.21
C ASN A 20 -2.96 5.40 1.39
N GLN A 21 -2.20 6.15 2.21
CA GLN A 21 -1.57 5.69 3.46
CA GLN A 21 -1.60 5.40 3.33
C GLN A 21 -2.61 5.15 4.47
N ASP A 22 -3.85 5.61 4.32
CA ASP A 22 -4.92 5.28 5.26
C ASP A 22 -6.06 4.68 4.42
N ALA A 23 -6.27 3.35 4.55
CA ALA A 23 -7.28 2.67 3.78
C ALA A 23 -8.69 3.22 4.03
N THR A 24 -8.90 3.85 5.20
CA THR A 24 -10.21 4.44 5.46
C THR A 24 -10.47 5.69 4.61
N LYS A 25 -9.43 6.27 4.04
CA LYS A 25 -9.51 7.36 3.08
C LYS A 25 -9.08 6.83 1.69
N SER A 26 -9.64 5.68 1.31
CA SER A 26 -9.37 5.09 0.01
C SER A 26 -10.69 4.75 -0.66
N GLU A 27 -10.55 4.39 -1.94
CA GLU A 27 -11.67 3.96 -2.79
C GLU A 27 -11.69 2.44 -2.97
N ARG A 28 -11.28 1.72 -1.91
CA ARG A 28 -11.33 0.26 -1.95
C ARG A 28 -12.75 -0.26 -2.25
N VAL A 29 -13.79 0.38 -1.71
CA VAL A 29 -15.13 -0.11 -2.01
C VAL A 29 -15.44 -0.01 -3.50
N ALA A 30 -15.15 1.15 -4.11
CA ALA A 30 -15.45 1.31 -5.53
C ALA A 30 -14.76 0.23 -6.38
N ALA A 31 -13.51 -0.07 -6.04
CA ALA A 31 -12.73 -0.99 -6.89
C ALA A 31 -13.17 -2.44 -6.74
N ALA A 32 -13.64 -2.84 -5.56
CA ALA A 32 -14.13 -4.20 -5.34
C ALA A 32 -13.13 -5.26 -5.80
N ARG A 33 -11.84 -5.05 -5.50
CA ARG A 33 -10.85 -6.03 -5.88
C ARG A 33 -11.18 -7.37 -5.22
N PRO A 34 -10.92 -8.49 -5.92
CA PRO A 34 -11.37 -9.78 -5.41
C PRO A 34 -10.43 -10.31 -4.32
N GLY A 35 -10.99 -11.21 -3.51
CA GLY A 35 -10.26 -11.99 -2.53
C GLY A 35 -10.74 -11.77 -1.11
N LEU A 36 -11.16 -10.55 -0.79
CA LEU A 36 -11.81 -10.22 0.48
C LEU A 36 -12.83 -9.14 0.18
N PRO A 37 -13.85 -9.00 0.99
CA PRO A 37 -14.73 -7.84 0.91
C PRO A 37 -13.88 -6.57 1.03
N PRO A 38 -14.24 -5.50 0.33
CA PRO A 38 -13.32 -4.38 0.24
CA PRO A 38 -13.36 -4.33 0.26
C PRO A 38 -13.02 -3.71 1.59
N GLU A 39 -13.97 -3.67 2.53
CA GLU A 39 -13.70 -3.03 3.81
C GLU A 39 -12.61 -3.74 4.60
N GLU A 40 -12.28 -4.98 4.21
CA GLU A 40 -11.28 -5.78 4.92
C GLU A 40 -9.89 -5.65 4.31
N GLN A 41 -9.73 -4.92 3.22
CA GLN A 41 -8.47 -4.87 2.49
C GLN A 41 -7.59 -3.71 2.98
N HIS A 42 -6.31 -4.03 3.23
CA HIS A 42 -5.33 -2.98 3.42
CA HIS A 42 -5.32 -2.98 3.47
C HIS A 42 -3.93 -3.59 3.18
N CYS A 43 -2.88 -2.75 3.27
CA CYS A 43 -1.58 -3.26 2.83
C CYS A 43 -1.14 -4.50 3.61
N ALA A 44 -1.45 -4.56 4.93
CA ALA A 44 -0.93 -5.67 5.73
C ALA A 44 -1.36 -7.04 5.22
N ASN A 45 -2.53 -7.13 4.57
CA ASN A 45 -3.00 -8.42 4.08
C ASN A 45 -2.90 -8.54 2.54
N CYS A 46 -1.94 -7.79 1.98
CA CYS A 46 -1.69 -7.78 0.55
C CYS A 46 -0.41 -8.56 0.21
N GLN A 47 -0.49 -9.33 -0.89
CA GLN A 47 0.63 -10.13 -1.36
C GLN A 47 1.88 -9.33 -1.69
N PHE A 48 1.72 -8.05 -2.04
CA PHE A 48 2.88 -7.24 -2.42
C PHE A 48 3.57 -6.55 -1.25
N MET A 49 2.99 -6.65 -0.06
N MET A 49 3.04 -6.62 -0.02
CA MET A 49 3.68 -6.00 1.05
CA MET A 49 3.67 -6.06 1.17
C MET A 49 4.89 -6.88 1.41
C MET A 49 4.87 -6.92 1.59
N GLN A 50 6.00 -6.24 1.76
CA GLN A 50 7.27 -6.89 2.04
C GLN A 50 7.57 -6.73 3.53
N ALA A 51 7.36 -7.84 4.25
CA ALA A 51 7.46 -7.87 5.70
C ALA A 51 8.91 -7.67 6.18
N ASN A 52 9.89 -7.92 5.31
CA ASN A 52 11.27 -7.81 5.70
C ASN A 52 11.90 -6.47 5.33
N VAL A 53 11.14 -5.50 4.97
N VAL A 53 11.11 -5.48 4.83
CA VAL A 53 11.94 -4.26 4.98
CA VAL A 53 11.56 -4.17 4.39
C VAL A 53 11.10 -3.30 5.80
C VAL A 53 10.90 -3.14 5.31
N GLY A 54 11.66 -2.16 5.83
CA GLY A 54 11.09 -1.09 6.62
C GLY A 54 11.08 -1.40 8.12
N GLU A 55 10.17 -0.73 8.82
CA GLU A 55 10.11 -0.85 10.28
C GLU A 55 8.73 -0.43 10.73
N GLY A 56 8.19 -1.16 11.72
CA GLY A 56 6.94 -0.73 12.33
C GLY A 56 5.81 -0.74 11.33
N ASP A 57 5.07 0.38 11.26
CA ASP A 57 3.94 0.47 10.35
C ASP A 57 4.34 0.81 8.90
N TRP A 58 5.63 0.99 8.65
CA TRP A 58 6.09 1.45 7.34
C TRP A 58 6.93 0.34 6.71
N LYS A 59 6.31 -0.34 5.72
CA LYS A 59 6.86 -1.56 5.17
CA LYS A 59 6.79 -1.60 5.18
C LYS A 59 7.00 -1.45 3.66
N GLY A 60 7.77 -2.39 3.07
CA GLY A 60 7.92 -2.33 1.64
C GLY A 60 6.66 -2.72 0.88
N CYS A 61 6.61 -2.29 -0.39
CA CYS A 61 5.63 -2.79 -1.34
C CYS A 61 6.41 -3.07 -2.62
N GLN A 62 6.27 -4.28 -3.16
CA GLN A 62 7.07 -4.64 -4.31
CA GLN A 62 6.93 -4.73 -4.39
C GLN A 62 6.83 -3.68 -5.49
N LEU A 63 5.61 -3.11 -5.60
CA LEU A 63 5.26 -2.24 -6.70
C LEU A 63 5.89 -0.85 -6.62
N PHE A 64 6.43 -0.49 -5.43
CA PHE A 64 6.99 0.83 -5.18
C PHE A 64 8.44 0.67 -4.76
N PRO A 65 9.36 0.28 -5.68
N PRO A 65 9.32 0.35 -5.74
CA PRO A 65 10.71 -0.10 -5.26
CA PRO A 65 10.70 0.07 -5.36
C PRO A 65 11.44 1.08 -4.61
C PRO A 65 11.34 1.37 -4.85
N GLY A 66 12.10 0.75 -3.45
N GLY A 66 12.09 1.16 -3.76
CA GLY A 66 12.91 1.75 -2.74
CA GLY A 66 12.77 2.28 -3.11
C GLY A 66 12.13 2.58 -1.74
C GLY A 66 11.88 3.09 -2.17
N LYS A 67 10.81 2.42 -1.70
N LYS A 67 10.59 2.75 -2.03
CA LYS A 67 9.95 3.26 -0.91
CA LYS A 67 9.66 3.47 -1.18
C LYS A 67 9.29 2.45 0.20
C LYS A 67 9.27 2.63 0.04
N LEU A 68 8.47 3.16 1.00
CA LEU A 68 7.72 2.47 2.03
C LEU A 68 6.26 2.89 1.91
N ILE A 69 5.39 1.93 2.23
CA ILE A 69 3.95 2.18 2.38
C ILE A 69 3.57 1.99 3.83
N ASN A 70 2.33 2.40 4.18
CA ASN A 70 1.84 2.16 5.53
C ASN A 70 1.03 0.85 5.51
N VAL A 71 1.24 0.01 6.54
CA VAL A 71 0.50 -1.24 6.66
C VAL A 71 -1.01 -1.04 6.69
N ASN A 72 -1.46 0.15 7.07
CA ASN A 72 -2.87 0.47 7.12
C ASN A 72 -3.41 1.15 5.87
N GLY A 73 -2.59 1.19 4.80
CA GLY A 73 -2.97 1.83 3.56
C GLY A 73 -3.67 0.88 2.59
N TRP A 74 -3.84 1.36 1.35
CA TRP A 74 -4.50 0.55 0.33
C TRP A 74 -4.13 1.13 -1.03
N CYS A 75 -4.14 0.28 -2.07
CA CYS A 75 -4.15 0.76 -3.45
C CYS A 75 -4.90 -0.28 -4.29
N ALA A 76 -5.16 0.08 -5.55
CA ALA A 76 -6.01 -0.73 -6.41
C ALA A 76 -5.36 -2.02 -6.89
N SER A 77 -4.07 -2.19 -6.65
CA SER A 77 -3.42 -3.47 -6.91
CA SER A 77 -3.33 -3.42 -6.85
C SER A 77 -3.50 -4.42 -5.70
N TRP A 78 -4.28 -4.05 -4.67
CA TRP A 78 -4.46 -4.95 -3.53
C TRP A 78 -4.81 -6.36 -4.05
N THR A 79 -4.10 -7.33 -3.50
CA THR A 79 -4.21 -8.73 -3.88
C THR A 79 -3.99 -9.52 -2.58
N LEU A 80 -4.81 -10.53 -2.31
CA LEU A 80 -4.68 -11.23 -1.02
C LEU A 80 -3.28 -11.80 -0.85
N LYS A 81 -2.78 -11.68 0.40
CA LYS A 81 -1.54 -12.34 0.82
C LYS A 81 -1.82 -13.85 0.96
N ALA A 82 -1.35 -14.58 -0.05
CA ALA A 82 -1.56 -16.01 -0.19
C ALA A 82 -0.27 -16.82 -0.01
N GLY A 83 0.89 -16.21 0.11
N GLY A 83 0.84 -16.12 0.17
CA GLY A 83 2.10 -17.02 0.35
CA GLY A 83 2.08 -16.80 0.50
C GLY A 83 3.36 -16.20 0.24
C GLY A 83 2.32 -16.75 2.01
#